data_4DE1
#
_entry.id   4DE1
#
_cell.length_a   45.166
_cell.length_b   106.567
_cell.length_c   47.825
_cell.angle_alpha   90.000
_cell.angle_beta   101.860
_cell.angle_gamma   90.000
#
_symmetry.space_group_name_H-M   'P 1 21 1'
#
loop_
_entity.id
_entity.type
_entity.pdbx_description
1 polymer Beta-lactamase
2 non-polymer N-[3-(1H-tetrazol-5-yl)phenyl]-2H-indazole-5-carboxamide
3 non-polymer 'DIMETHYL SULFOXIDE'
4 water water
#
_entity_poly.entity_id   1
_entity_poly.type   'polypeptide(L)'
_entity_poly.pdbx_seq_one_letter_code
;(PCA)TSAVQQKLAALEKSSGGRLGVALIDTADNTQVLYRGDERFPMCSTSKVMAAAAVLKQSETQKQLLNQPVEIKPAD
LVNYNPIAEKHVNGTMTLAELSAAALQYSDNTAMNKLIAQLGGPGGVTAFARAIGDETFRLDRTEPTLNTAIPGDPRDTT
TPRAMAQTLRQLTLGHALGETQRAQLVTWLKGNTTGAASIRAGLPTSWTAGDKTGSGDYGTTNDIAVIWPQGRAPLVLVT
YFTQPQQNAESRRDVLASAARIIAEGL
;
_entity_poly.pdbx_strand_id   A,B
#
# COMPACT_ATOMS: atom_id res chain seq x y z
N THR A 2 -3.98 -1.54 2.73
CA THR A 2 -2.89 -2.48 2.68
C THR A 2 -2.51 -2.65 1.22
N SER A 3 -1.25 -2.35 0.90
CA SER A 3 -0.74 -2.47 -0.47
C SER A 3 -0.32 -3.92 -0.78
N ALA A 4 -0.05 -4.20 -2.04
CA ALA A 4 0.50 -5.51 -2.43
C ALA A 4 1.81 -5.82 -1.73
N VAL A 5 2.69 -4.82 -1.70
CA VAL A 5 3.96 -4.97 -0.99
C VAL A 5 3.73 -5.30 0.50
N GLN A 6 2.84 -4.57 1.16
CA GLN A 6 2.55 -4.84 2.56
C GLN A 6 1.96 -6.23 2.74
N GLN A 7 1.12 -6.68 1.81
CA GLN A 7 0.59 -8.04 1.90
C GLN A 7 1.69 -9.10 1.79
N LYS A 8 2.64 -8.87 0.89
CA LYS A 8 3.74 -9.81 0.73
C LYS A 8 4.62 -9.85 1.98
N LEU A 9 4.87 -8.67 2.55
CA LEU A 9 5.66 -8.60 3.79
C LEU A 9 4.93 -9.28 4.94
N ALA A 10 3.61 -9.15 4.98
CA ALA A 10 2.84 -9.88 6.01
C ALA A 10 2.96 -11.40 5.84
N ALA A 11 2.95 -11.88 4.58
CA ALA A 11 3.06 -13.31 4.32
C ALA A 11 4.45 -13.80 4.71
N LEU A 12 5.48 -13.02 4.38
CA LEU A 12 6.83 -13.36 4.78
C LEU A 12 6.88 -13.45 6.31
N GLU A 13 6.31 -12.44 6.98
CA GLU A 13 6.36 -12.42 8.45
C GLU A 13 5.67 -13.67 9.02
N LYS A 14 4.48 -13.97 8.51
CA LYS A 14 3.73 -15.13 9.00
C LYS A 14 4.57 -16.41 8.90
N SER A 15 5.22 -16.63 7.76
N SER A 15 5.18 -16.64 7.74
CA SER A 15 6.03 -17.84 7.57
CA SER A 15 6.03 -17.80 7.55
C SER A 15 7.30 -17.87 8.40
C SER A 15 7.13 -17.87 8.60
N SER A 16 7.71 -16.70 8.88
CA SER A 16 8.94 -16.58 9.67
C SER A 16 8.72 -16.91 11.14
N GLY A 17 7.48 -16.78 11.59
CA GLY A 17 7.11 -16.92 13.00
C GLY A 17 7.45 -15.73 13.90
N GLY A 18 8.12 -14.69 13.37
CA GLY A 18 8.55 -13.56 14.19
C GLY A 18 7.76 -12.31 13.90
N ARG A 19 8.39 -11.17 14.21
CA ARG A 19 7.78 -9.86 14.03
C ARG A 19 8.75 -9.05 13.18
N LEU A 20 8.26 -8.56 12.05
CA LEU A 20 9.06 -7.86 11.04
C LEU A 20 8.63 -6.40 10.97
N GLY A 21 9.63 -5.49 10.91
CA GLY A 21 9.39 -4.06 10.72
C GLY A 21 10.20 -3.56 9.55
N VAL A 22 9.54 -2.84 8.64
CA VAL A 22 10.19 -2.36 7.43
C VAL A 22 9.86 -0.89 7.22
N ALA A 23 10.84 -0.09 6.82
CA ALA A 23 10.57 1.26 6.34
C ALA A 23 11.48 1.53 5.16
N LEU A 24 10.87 1.91 4.05
CA LEU A 24 11.57 2.35 2.84
C LEU A 24 11.28 3.82 2.65
N ILE A 25 12.32 4.60 2.32
CA ILE A 25 12.11 5.90 1.70
C ILE A 25 12.74 5.86 0.33
N ASP A 26 11.95 6.16 -0.69
CA ASP A 26 12.47 6.26 -2.05
C ASP A 26 12.74 7.72 -2.34
N THR A 27 14.01 8.11 -2.42
CA THR A 27 14.27 9.52 -2.67
C THR A 27 13.99 9.95 -4.14
N ALA A 28 13.56 9.01 -5.01
CA ALA A 28 13.04 9.38 -6.36
C ALA A 28 11.83 10.32 -6.25
N ASP A 29 11.00 10.13 -5.22
CA ASP A 29 9.71 10.82 -5.07
C ASP A 29 9.38 11.12 -3.59
N ASN A 30 10.28 10.72 -2.69
CA ASN A 30 10.11 10.83 -1.22
C ASN A 30 9.01 9.96 -0.65
N THR A 31 8.52 9.02 -1.43
CA THR A 31 7.48 8.16 -0.93
C THR A 31 8.04 7.11 0.03
N GLN A 32 7.15 6.64 0.88
CA GLN A 32 7.50 5.70 1.93
C GLN A 32 6.67 4.45 1.78
N VAL A 33 7.28 3.33 2.09
CA VAL A 33 6.56 2.08 2.28
C VAL A 33 6.91 1.56 3.65
N LEU A 34 5.99 1.20 4.53
N LEU A 34 5.76 1.24 4.39
CA LEU A 34 5.96 0.93 5.97
CA LEU A 34 6.14 0.77 5.72
C LEU A 34 5.27 -0.39 6.24
C LEU A 34 5.37 -0.49 6.07
N TYR A 35 5.93 -1.26 7.00
CA TYR A 35 5.27 -2.43 7.54
C TYR A 35 5.63 -2.44 9.01
N ARG A 36 4.62 -2.34 9.87
CA ARG A 36 4.84 -2.13 11.32
C ARG A 36 5.77 -0.92 11.54
N GLY A 37 5.59 0.12 10.73
CA GLY A 37 6.56 1.20 10.70
C GLY A 37 6.63 2.04 11.96
N ASP A 38 5.58 2.01 12.78
CA ASP A 38 5.54 2.75 14.03
C ASP A 38 5.56 1.85 15.26
N GLU A 39 5.90 0.57 15.08
CA GLU A 39 6.14 -0.30 16.23
C GLU A 39 7.60 -0.21 16.66
N ARG A 40 7.87 -0.40 17.93
CA ARG A 40 9.24 -0.38 18.47
C ARG A 40 9.93 -1.72 18.34
N PHE A 41 11.21 -1.65 17.98
CA PHE A 41 12.08 -2.83 17.87
C PHE A 41 13.39 -2.52 18.57
N PRO A 42 14.05 -3.55 19.11
CA PRO A 42 15.41 -3.32 19.65
C PRO A 42 16.36 -3.03 18.51
N MET A 43 17.13 -1.96 18.63
CA MET A 43 18.06 -1.58 17.56
C MET A 43 19.26 -2.50 17.45
N CYS A 44 19.74 -2.99 18.59
CA CYS A 44 21.01 -3.66 18.66
C CYS A 44 22.08 -2.82 17.95
N SER A 45 23.00 -3.40 17.20
CA SER A 45 24.14 -2.65 16.68
C SER A 45 23.78 -1.68 15.57
N THR A 46 22.55 -1.64 15.09
CA THR A 46 22.20 -0.56 14.19
C THR A 46 22.29 0.81 14.89
N SER A 47 22.29 0.82 16.23
CA SER A 47 22.48 2.06 17.01
C SER A 47 23.89 2.62 16.84
N LYS A 48 24.85 1.80 16.38
CA LYS A 48 26.21 2.31 16.20
C LYS A 48 26.28 3.43 15.19
N VAL A 49 25.38 3.44 14.21
CA VAL A 49 25.32 4.55 13.28
C VAL A 49 25.06 5.87 13.99
N MET A 50 24.09 5.90 14.89
N MET A 50 24.09 5.90 14.89
CA MET A 50 23.79 7.14 15.58
CA MET A 50 23.79 7.14 15.60
C MET A 50 24.98 7.60 16.42
C MET A 50 24.98 7.60 16.43
N ALA A 51 25.65 6.67 17.10
CA ALA A 51 26.79 7.02 17.94
C ALA A 51 27.95 7.59 17.12
N ALA A 52 28.28 6.90 16.02
CA ALA A 52 29.33 7.42 15.13
C ALA A 52 28.97 8.78 14.55
N ALA A 53 27.70 8.95 14.16
CA ALA A 53 27.27 10.21 13.59
C ALA A 53 27.38 11.31 14.63
N ALA A 54 27.03 11.03 15.87
CA ALA A 54 27.09 12.04 16.92
C ALA A 54 28.54 12.52 17.11
N VAL A 55 29.50 11.61 17.05
CA VAL A 55 30.94 11.98 17.11
C VAL A 55 31.34 12.76 15.86
N LEU A 56 30.85 12.38 14.69
CA LEU A 56 31.12 13.18 13.51
C LEU A 56 30.59 14.60 13.71
N LYS A 57 29.39 14.73 14.29
CA LYS A 57 28.89 16.09 14.53
C LYS A 57 29.81 16.88 15.45
N GLN A 58 30.29 16.29 16.52
CA GLN A 58 31.24 16.96 17.41
C GLN A 58 32.46 17.39 16.63
N SER A 59 32.91 16.57 15.69
CA SER A 59 34.12 16.85 14.96
C SER A 59 33.99 18.07 14.06
N GLU A 60 32.76 18.50 13.76
CA GLU A 60 32.61 19.70 12.91
C GLU A 60 33.19 20.93 13.54
N THR A 61 33.24 20.99 14.86
CA THR A 61 33.82 22.14 15.55
C THR A 61 35.20 21.85 16.17
N GLN A 62 35.73 20.66 15.91
CA GLN A 62 37.07 20.22 16.39
C GLN A 62 37.79 19.42 15.32
N LYS A 63 38.62 20.10 14.55
CA LYS A 63 39.26 19.51 13.37
C LYS A 63 40.13 18.32 13.74
N GLN A 64 40.62 18.26 14.97
CA GLN A 64 41.47 17.16 15.40
C GLN A 64 40.78 16.08 16.21
N LEU A 65 39.48 16.20 16.42
N LEU A 65 39.48 16.21 16.40
CA LEU A 65 38.82 15.26 17.32
CA LEU A 65 38.78 15.28 17.28
C LEU A 65 38.95 13.81 16.82
C LEU A 65 38.95 13.84 16.82
N LEU A 66 38.81 13.60 15.52
CA LEU A 66 38.87 12.24 15.01
C LEU A 66 40.26 11.61 15.15
N ASN A 67 41.28 12.46 15.35
CA ASN A 67 42.62 11.96 15.57
C ASN A 67 42.98 11.83 17.06
N GLN A 68 42.01 12.11 17.93
CA GLN A 68 42.23 12.08 19.36
C GLN A 68 42.37 10.62 19.83
N PRO A 69 43.40 10.33 20.63
CA PRO A 69 43.55 8.96 21.13
C PRO A 69 42.63 8.66 22.30
N VAL A 70 42.22 7.42 22.38
CA VAL A 70 41.43 6.94 23.48
C VAL A 70 42.12 5.67 23.96
N GLU A 71 42.41 5.60 25.25
CA GLU A 71 43.09 4.44 25.80
C GLU A 71 42.15 3.24 25.80
N ILE A 72 42.67 2.10 25.36
CA ILE A 72 41.97 0.83 25.47
C ILE A 72 42.67 0.01 26.54
N LYS A 73 41.97 -0.21 27.64
N LYS A 73 41.96 -0.27 27.61
CA LYS A 73 42.56 -1.10 28.71
CA LYS A 73 42.51 -1.07 28.71
C LYS A 73 42.03 -2.49 28.61
C LYS A 73 41.96 -2.49 28.69
N PRO A 74 42.66 -3.42 29.32
CA PRO A 74 42.14 -4.78 29.31
C PRO A 74 40.69 -4.87 29.83
N ALA A 75 40.37 -4.09 30.85
CA ALA A 75 39.04 -4.08 31.46
C ALA A 75 37.98 -3.54 30.48
N ASP A 76 38.40 -2.87 29.41
CA ASP A 76 37.40 -2.30 28.48
C ASP A 76 36.85 -3.34 27.51
N LEU A 77 37.56 -4.45 27.34
CA LEU A 77 37.09 -5.46 26.39
C LEU A 77 35.78 -6.05 26.90
N VAL A 78 34.83 -6.21 25.99
CA VAL A 78 33.56 -6.83 26.29
C VAL A 78 33.46 -8.14 25.53
N ASN A 79 32.36 -8.38 24.83
CA ASN A 79 32.09 -9.69 24.26
C ASN A 79 32.44 -9.86 22.79
N TYR A 80 32.72 -8.80 22.07
CA TYR A 80 33.00 -8.90 20.64
C TYR A 80 33.82 -7.69 20.25
N ASN A 81 35.13 -7.88 20.15
CA ASN A 81 36.04 -6.75 20.04
C ASN A 81 37.18 -7.09 19.11
N PRO A 82 36.85 -7.49 17.89
CA PRO A 82 37.90 -7.99 16.95
C PRO A 82 38.96 -6.92 16.65
N ILE A 83 38.60 -5.64 16.73
CA ILE A 83 39.60 -4.60 16.47
C ILE A 83 40.23 -4.09 17.78
N ALA A 84 39.39 -3.76 18.76
CA ALA A 84 39.90 -3.19 20.00
C ALA A 84 40.90 -4.13 20.69
N GLU A 85 40.71 -5.44 20.60
CA GLU A 85 41.62 -6.30 21.35
C GLU A 85 43.05 -6.20 20.83
N LYS A 86 43.22 -5.77 19.59
CA LYS A 86 44.56 -5.56 19.05
C LYS A 86 45.28 -4.38 19.67
N HIS A 87 44.54 -3.50 20.33
CA HIS A 87 45.06 -2.21 20.79
C HIS A 87 45.01 -2.07 22.30
N VAL A 88 44.73 -3.17 23.00
N VAL A 88 44.73 -3.18 23.00
CA VAL A 88 44.68 -3.11 24.45
CA VAL A 88 44.76 -3.19 24.46
C VAL A 88 46.06 -2.77 25.04
C VAL A 88 46.11 -2.69 24.99
N ASN A 89 46.06 -1.86 26.02
CA ASN A 89 47.27 -1.23 26.56
C ASN A 89 47.88 -0.20 25.61
N GLY A 90 47.14 0.14 24.57
CA GLY A 90 47.51 1.20 23.70
C GLY A 90 46.30 2.11 23.48
N THR A 91 46.26 2.73 22.31
CA THR A 91 45.18 3.67 22.03
C THR A 91 44.62 3.47 20.65
N MET A 92 43.39 3.95 20.46
CA MET A 92 42.80 4.07 19.11
C MET A 92 42.25 5.45 18.99
N THR A 93 42.27 6.03 17.78
CA THR A 93 41.68 7.35 17.62
C THR A 93 40.16 7.22 17.49
N LEU A 94 39.45 8.33 17.66
CA LEU A 94 38.00 8.30 17.48
C LEU A 94 37.60 7.91 16.03
N ALA A 95 38.41 8.26 15.03
CA ALA A 95 38.15 7.73 13.68
C ALA A 95 38.28 6.21 13.66
N GLU A 96 39.36 5.68 14.23
CA GLU A 96 39.55 4.26 14.25
C GLU A 96 38.42 3.56 15.00
N LEU A 97 37.95 4.14 16.10
CA LEU A 97 36.86 3.54 16.87
C LEU A 97 35.55 3.58 16.08
N SER A 98 35.32 4.67 15.36
CA SER A 98 34.13 4.76 14.51
C SER A 98 34.16 3.73 13.41
N ALA A 99 35.29 3.61 12.72
CA ALA A 99 35.43 2.62 11.65
C ALA A 99 35.25 1.21 12.20
N ALA A 100 35.85 0.92 13.36
CA ALA A 100 35.72 -0.40 13.93
C ALA A 100 34.28 -0.73 14.33
N ALA A 101 33.60 0.23 14.95
CA ALA A 101 32.21 0.04 15.37
C ALA A 101 31.34 -0.19 14.13
N LEU A 102 31.52 0.64 13.10
CA LEU A 102 30.63 0.57 11.94
C LEU A 102 30.94 -0.62 11.04
N GLN A 103 32.21 -0.85 10.75
CA GLN A 103 32.55 -1.80 9.67
C GLN A 103 32.78 -3.21 10.18
N TYR A 104 33.13 -3.34 11.47
CA TYR A 104 33.38 -4.63 12.10
C TYR A 104 32.39 -4.91 13.22
N SER A 105 31.57 -3.92 13.59
CA SER A 105 30.59 -4.11 14.65
C SER A 105 31.27 -4.39 16.00
N ASP A 106 32.43 -3.76 16.23
CA ASP A 106 33.17 -3.92 17.48
C ASP A 106 32.45 -3.22 18.65
N ASN A 107 32.15 -3.98 19.69
CA ASN A 107 31.37 -3.48 20.83
C ASN A 107 32.21 -2.62 21.78
N THR A 108 33.51 -2.89 21.91
CA THR A 108 34.37 -2.03 22.71
C THR A 108 34.47 -0.66 22.04
N ALA A 109 34.62 -0.67 20.72
CA ALA A 109 34.69 0.60 19.98
C ALA A 109 33.39 1.39 20.20
N MET A 110 32.23 0.73 20.08
CA MET A 110 30.97 1.44 20.37
C MET A 110 30.99 2.03 21.79
N ASN A 111 31.42 1.28 22.79
CA ASN A 111 31.41 1.84 24.13
C ASN A 111 32.28 3.10 24.21
N LYS A 112 33.38 3.17 23.48
CA LYS A 112 34.21 4.37 23.51
C LYS A 112 33.48 5.55 22.85
N LEU A 113 32.70 5.28 21.79
CA LEU A 113 31.89 6.32 21.18
C LEU A 113 30.87 6.84 22.19
N ILE A 114 30.17 5.91 22.84
CA ILE A 114 29.17 6.30 23.83
C ILE A 114 29.82 7.15 24.93
N ALA A 115 30.99 6.74 25.40
CA ALA A 115 31.66 7.48 26.50
C ALA A 115 32.06 8.87 26.04
N GLN A 116 32.48 9.00 24.79
CA GLN A 116 32.86 10.30 24.25
C GLN A 116 31.65 11.26 24.27
N LEU A 117 30.44 10.70 24.15
CA LEU A 117 29.22 11.49 24.11
C LEU A 117 28.60 11.66 25.50
N GLY A 118 29.27 11.14 26.53
CA GLY A 118 28.77 11.31 27.90
C GLY A 118 27.81 10.24 28.37
N GLY A 119 27.75 9.13 27.67
CA GLY A 119 26.86 8.03 28.03
C GLY A 119 25.75 7.84 27.02
N PRO A 120 24.92 6.81 27.23
CA PRO A 120 23.86 6.51 26.24
C PRO A 120 22.98 7.72 25.95
N GLY A 121 22.64 8.49 26.98
CA GLY A 121 21.82 9.68 26.78
C GLY A 121 22.41 10.74 25.87
N GLY A 122 23.73 10.78 25.73
CA GLY A 122 24.37 11.67 24.77
C GLY A 122 24.06 11.27 23.34
N VAL A 123 23.90 9.98 23.10
CA VAL A 123 23.50 9.50 21.78
C VAL A 123 22.04 9.90 21.51
N THR A 124 21.17 9.68 22.50
CA THR A 124 19.77 10.11 22.40
C THR A 124 19.67 11.62 22.17
N ALA A 125 20.49 12.38 22.88
CA ALA A 125 20.43 13.84 22.73
C ALA A 125 20.78 14.26 21.28
N PHE A 126 21.75 13.58 20.67
CA PHE A 126 22.08 13.89 19.28
C PHE A 126 20.91 13.53 18.35
N ALA A 127 20.29 12.36 18.57
CA ALA A 127 19.12 12.00 17.81
C ALA A 127 18.06 13.12 17.86
N ARG A 128 17.81 13.63 19.06
CA ARG A 128 16.80 14.68 19.20
C ARG A 128 17.21 15.94 18.44
N ALA A 129 18.50 16.26 18.44
CA ALA A 129 19.03 17.43 17.76
C ALA A 129 18.86 17.38 16.26
N ILE A 130 18.78 16.17 15.70
CA ILE A 130 18.60 16.00 14.27
C ILE A 130 17.18 15.62 13.92
N GLY A 131 16.26 15.84 14.86
CA GLY A 131 14.81 15.69 14.60
C GLY A 131 14.21 14.31 14.82
N ASP A 132 14.96 13.41 15.43
CA ASP A 132 14.46 12.06 15.72
C ASP A 132 13.98 12.05 17.17
N GLU A 133 12.67 12.02 17.35
CA GLU A 133 12.02 12.03 18.63
C GLU A 133 11.75 10.63 19.17
N THR A 134 12.16 9.61 18.42
CA THR A 134 11.76 8.24 18.70
C THR A 134 12.92 7.39 19.25
N PHE A 135 14.07 7.52 18.61
CA PHE A 135 15.28 6.80 19.03
C PHE A 135 15.52 6.94 20.53
N ARG A 136 15.93 5.86 21.20
CA ARG A 136 16.50 6.03 22.54
C ARG A 136 17.59 5.01 22.78
N LEU A 137 18.72 5.47 23.30
CA LEU A 137 19.76 4.58 23.76
C LEU A 137 19.83 4.72 25.26
N ASP A 138 19.76 3.60 25.96
CA ASP A 138 19.66 3.57 27.41
C ASP A 138 20.83 2.88 28.08
N ARG A 139 21.50 1.98 27.36
CA ARG A 139 22.55 1.13 27.93
C ARG A 139 23.76 1.10 27.02
N THR A 140 24.87 0.64 27.59
CA THR A 140 26.09 0.42 26.82
C THR A 140 26.11 -1.03 26.28
N GLU A 141 27.19 -1.36 25.58
CA GLU A 141 27.46 -2.75 25.17
C GLU A 141 28.03 -3.53 26.35
N PRO A 142 27.63 -4.80 26.52
CA PRO A 142 26.80 -5.60 25.62
C PRO A 142 25.30 -5.58 25.96
N THR A 143 24.90 -4.97 27.07
CA THR A 143 23.53 -5.17 27.53
C THR A 143 22.46 -4.49 26.69
N LEU A 144 22.86 -3.55 25.82
CA LEU A 144 21.86 -2.93 24.96
C LEU A 144 21.23 -3.90 23.96
N ASN A 145 21.78 -5.11 23.84
CA ASN A 145 21.26 -6.14 22.91
C ASN A 145 20.35 -7.18 23.55
N THR A 146 19.90 -6.96 24.78
CA THR A 146 19.06 -7.99 25.40
C THR A 146 17.74 -8.23 24.65
N ALA A 147 17.21 -7.18 24.02
CA ALA A 147 16.13 -7.28 23.04
C ALA A 147 14.85 -7.93 23.56
N ILE A 148 14.56 -7.67 24.82
CA ILE A 148 13.44 -8.31 25.48
C ILE A 148 12.12 -7.78 24.90
N PRO A 149 11.16 -8.67 24.56
CA PRO A 149 9.91 -8.15 24.00
C PRO A 149 9.23 -7.20 24.97
N GLY A 150 8.75 -6.07 24.44
CA GLY A 150 8.02 -5.10 25.26
C GLY A 150 8.91 -4.12 26.02
N ASP A 151 10.21 -4.35 26.02
CA ASP A 151 11.14 -3.45 26.72
C ASP A 151 11.41 -2.24 25.82
N PRO A 152 11.15 -1.02 26.34
CA PRO A 152 11.39 0.17 25.51
C PRO A 152 12.87 0.54 25.40
N ARG A 153 13.73 -0.02 26.24
CA ARG A 153 15.13 0.44 26.23
C ARG A 153 15.79 0.12 24.91
N ASP A 154 16.57 1.05 24.39
CA ASP A 154 17.44 0.77 23.25
C ASP A 154 16.61 0.37 22.01
N THR A 155 15.51 1.08 21.80
CA THR A 155 14.61 0.84 20.70
C THR A 155 14.42 2.04 19.83
N THR A 156 13.91 1.78 18.63
CA THR A 156 13.33 2.81 17.79
C THR A 156 12.23 2.20 16.94
N THR A 157 11.65 2.99 16.04
CA THR A 157 10.70 2.44 15.05
C THR A 157 11.37 2.43 13.67
N PRO A 158 10.89 1.56 12.76
CA PRO A 158 11.45 1.57 11.40
C PRO A 158 11.30 2.95 10.74
N ARG A 159 10.13 3.58 10.89
CA ARG A 159 9.93 4.89 10.25
C ARG A 159 10.96 5.91 10.73
N ALA A 160 11.17 5.99 12.06
CA ALA A 160 12.09 6.99 12.59
C ALA A 160 13.51 6.71 12.11
N MET A 161 13.90 5.44 12.12
N MET A 161 13.91 5.44 12.12
CA MET A 161 15.28 5.11 11.75
CA MET A 161 15.29 5.14 11.74
C MET A 161 15.56 5.35 10.27
C MET A 161 15.56 5.39 10.26
N ALA A 162 14.57 5.12 9.41
CA ALA A 162 14.75 5.39 7.98
C ALA A 162 14.89 6.89 7.75
N GLN A 163 14.05 7.69 8.43
CA GLN A 163 14.13 9.13 8.26
C GLN A 163 15.51 9.64 8.73
N THR A 164 15.95 9.17 9.90
CA THR A 164 17.26 9.54 10.42
C THR A 164 18.40 9.13 9.50
N LEU A 165 18.37 7.90 9.00
CA LEU A 165 19.43 7.45 8.13
C LEU A 165 19.46 8.32 6.86
N ARG A 166 18.29 8.67 6.32
CA ARG A 166 18.27 9.57 5.16
C ARG A 166 18.92 10.90 5.50
N GLN A 167 18.52 11.53 6.59
CA GLN A 167 19.07 12.83 6.93
C GLN A 167 20.59 12.78 7.13
N LEU A 168 21.09 11.71 7.73
CA LEU A 168 22.52 11.57 8.02
C LEU A 168 23.33 11.32 6.75
N THR A 169 22.81 10.49 5.84
CA THR A 169 23.65 10.01 4.71
C THR A 169 23.39 10.75 3.42
N LEU A 170 22.19 11.31 3.26
CA LEU A 170 21.80 11.94 2.00
C LEU A 170 21.43 13.41 2.21
N GLY A 171 20.96 13.75 3.42
CA GLY A 171 20.52 15.09 3.76
C GLY A 171 21.62 15.86 4.48
N HIS A 172 21.21 16.83 5.28
CA HIS A 172 22.13 17.82 5.84
C HIS A 172 22.21 17.77 7.37
N ALA A 173 21.99 16.62 7.97
CA ALA A 173 22.12 16.51 9.44
C ALA A 173 23.59 16.67 9.85
N LEU A 174 24.51 16.29 8.96
CA LEU A 174 25.94 16.44 9.16
C LEU A 174 26.49 17.42 8.13
N GLY A 175 27.66 17.98 8.43
CA GLY A 175 28.42 18.74 7.42
C GLY A 175 28.77 17.86 6.21
N GLU A 176 29.10 18.49 5.10
CA GLU A 176 29.36 17.74 3.88
C GLU A 176 30.48 16.70 4.06
N THR A 177 31.59 17.13 4.64
N THR A 177 31.61 17.09 4.61
CA THR A 177 32.74 16.26 4.83
CA THR A 177 32.70 16.11 4.71
C THR A 177 32.35 15.06 5.68
C THR A 177 32.38 15.00 5.72
N GLN A 178 31.60 15.34 6.75
CA GLN A 178 31.21 14.32 7.71
C GLN A 178 30.22 13.33 7.10
N ARG A 179 29.23 13.83 6.36
CA ARG A 179 28.30 12.98 5.61
C ARG A 179 29.04 12.01 4.69
N ALA A 180 30.02 12.53 3.94
CA ALA A 180 30.81 11.73 3.04
C ALA A 180 31.61 10.67 3.81
N GLN A 181 32.13 11.04 4.98
CA GLN A 181 32.86 10.06 5.80
C GLN A 181 31.92 8.96 6.29
N LEU A 182 30.69 9.32 6.74
CA LEU A 182 29.76 8.30 7.19
C LEU A 182 29.42 7.35 6.03
N VAL A 183 29.12 7.90 4.86
CA VAL A 183 28.79 7.08 3.71
C VAL A 183 29.96 6.14 3.35
N THR A 184 31.19 6.65 3.35
CA THR A 184 32.35 5.82 3.10
C THR A 184 32.41 4.67 4.10
N TRP A 185 32.19 4.97 5.37
CA TRP A 185 32.24 3.92 6.38
C TRP A 185 31.18 2.87 6.12
N LEU A 186 29.94 3.28 5.88
CA LEU A 186 28.85 2.34 5.66
C LEU A 186 29.11 1.49 4.42
N LYS A 187 29.64 2.09 3.35
CA LYS A 187 29.88 1.35 2.11
C LYS A 187 30.98 0.31 2.29
N GLY A 188 31.85 0.51 3.27
CA GLY A 188 32.92 -0.42 3.56
C GLY A 188 32.54 -1.43 4.65
N ASN A 189 31.27 -1.50 5.05
CA ASN A 189 30.86 -2.53 6.00
C ASN A 189 31.29 -3.93 5.59
N THR A 190 31.73 -4.74 6.56
CA THR A 190 32.10 -6.12 6.26
C THR A 190 31.02 -7.13 6.56
N THR A 191 29.96 -6.72 7.27
CA THR A 191 29.06 -7.68 7.88
C THR A 191 27.72 -7.86 7.17
N GLY A 192 27.52 -7.18 6.03
CA GLY A 192 26.19 -7.00 5.48
C GLY A 192 25.73 -7.87 4.32
N ALA A 193 26.57 -8.76 3.78
CA ALA A 193 26.21 -9.35 2.50
C ALA A 193 25.06 -10.33 2.57
N ALA A 194 24.74 -10.84 3.77
CA ALA A 194 23.65 -11.83 3.93
C ALA A 194 22.33 -11.17 4.28
N SER A 195 22.30 -9.85 4.49
CA SER A 195 21.12 -9.17 5.05
C SER A 195 20.37 -8.44 3.93
N ILE A 196 20.08 -7.14 4.06
CA ILE A 196 19.37 -6.45 3.00
C ILE A 196 20.01 -6.68 1.65
N ARG A 197 21.34 -6.57 1.60
N ARG A 197 21.33 -6.62 1.59
CA ARG A 197 22.08 -6.67 0.33
CA ARG A 197 21.98 -6.61 0.31
C ARG A 197 21.72 -7.92 -0.44
C ARG A 197 21.88 -7.95 -0.43
N ALA A 198 21.54 -9.03 0.28
CA ALA A 198 21.28 -10.31 -0.37
C ALA A 198 19.98 -10.32 -1.16
N GLY A 199 19.07 -9.38 -0.84
CA GLY A 199 17.80 -9.31 -1.51
C GLY A 199 17.77 -8.33 -2.66
N LEU A 200 18.88 -7.64 -2.93
CA LEU A 200 18.89 -6.62 -3.97
C LEU A 200 19.57 -7.12 -5.25
N PRO A 201 19.19 -6.55 -6.41
CA PRO A 201 19.90 -6.90 -7.65
C PRO A 201 21.38 -6.64 -7.48
N THR A 202 22.21 -7.51 -8.04
CA THR A 202 23.63 -7.40 -7.80
C THR A 202 24.28 -6.15 -8.43
N SER A 203 23.61 -5.57 -9.43
CA SER A 203 24.17 -4.37 -10.05
C SER A 203 24.08 -3.17 -9.12
N TRP A 204 23.24 -3.24 -8.08
CA TRP A 204 23.10 -2.07 -7.18
C TRP A 204 24.28 -1.94 -6.23
N THR A 205 24.47 -0.75 -5.64
CA THR A 205 25.46 -0.63 -4.57
C THR A 205 24.76 -0.14 -3.31
N ALA A 206 25.42 -0.29 -2.17
CA ALA A 206 24.78 0.05 -0.90
C ALA A 206 25.82 0.19 0.21
N GLY A 207 25.43 0.86 1.29
CA GLY A 207 26.15 0.78 2.55
C GLY A 207 25.15 0.38 3.61
N ASP A 208 25.58 -0.30 4.65
CA ASP A 208 24.62 -0.78 5.63
C ASP A 208 25.28 -0.94 6.98
N LYS A 209 24.43 -1.07 8.00
CA LYS A 209 24.86 -1.47 9.34
C LYS A 209 23.92 -2.52 9.87
N THR A 210 24.46 -3.69 10.20
CA THR A 210 23.69 -4.80 10.77
C THR A 210 23.57 -4.70 12.29
N GLY A 211 22.65 -5.48 12.84
CA GLY A 211 22.63 -5.71 14.27
C GLY A 211 21.97 -7.03 14.58
N SER A 212 22.25 -7.57 15.76
CA SER A 212 21.58 -8.75 16.22
C SER A 212 21.67 -8.81 17.75
N GLY A 213 20.82 -9.63 18.33
CA GLY A 213 20.77 -9.73 19.77
C GLY A 213 19.98 -10.95 20.19
N ASP A 214 19.58 -11.00 21.47
CA ASP A 214 18.76 -12.10 21.92
C ASP A 214 17.37 -12.01 21.24
N TYR A 215 16.53 -13.00 21.51
CA TYR A 215 15.23 -13.12 20.84
C TYR A 215 15.39 -13.23 19.33
N GLY A 216 16.53 -13.78 18.90
CA GLY A 216 16.78 -13.95 17.48
C GLY A 216 16.66 -12.64 16.72
N THR A 217 16.99 -11.55 17.41
CA THR A 217 16.81 -10.24 16.80
C THR A 217 17.85 -10.07 15.70
N THR A 218 17.39 -9.67 14.52
CA THR A 218 18.24 -9.64 13.32
C THR A 218 17.82 -8.39 12.55
N ASN A 219 18.74 -7.45 12.38
CA ASN A 219 18.42 -6.10 11.92
C ASN A 219 19.40 -5.68 10.83
N ASP A 220 18.97 -4.71 10.02
CA ASP A 220 19.89 -4.08 9.07
C ASP A 220 19.29 -2.77 8.67
N ILE A 221 20.15 -1.76 8.47
CA ILE A 221 19.70 -0.46 7.95
C ILE A 221 20.65 -0.10 6.81
N ALA A 222 20.13 0.40 5.71
CA ALA A 222 20.94 0.56 4.49
C ALA A 222 20.58 1.83 3.75
N VAL A 223 21.59 2.40 3.11
N VAL A 223 21.60 2.42 3.13
CA VAL A 223 21.39 3.40 2.08
CA VAL A 223 21.39 3.34 2.02
C VAL A 223 21.84 2.76 0.75
C VAL A 223 21.78 2.65 0.76
N ILE A 224 20.98 2.85 -0.27
CA ILE A 224 21.08 2.00 -1.46
C ILE A 224 21.09 2.89 -2.67
N TRP A 225 22.00 2.61 -3.61
CA TRP A 225 22.01 3.31 -4.90
C TRP A 225 21.62 2.28 -6.00
N PRO A 226 20.34 2.23 -6.35
CA PRO A 226 19.90 1.26 -7.37
C PRO A 226 20.44 1.64 -8.73
N GLN A 227 20.61 0.71 -9.64
CA GLN A 227 20.94 1.04 -11.01
C GLN A 227 19.88 1.94 -11.63
N GLY A 228 20.29 3.12 -12.08
CA GLY A 228 19.41 3.96 -12.90
C GLY A 228 18.34 4.76 -12.18
N ARG A 229 18.46 4.92 -10.86
CA ARG A 229 17.52 5.78 -10.17
C ARG A 229 18.05 6.28 -8.85
N ALA A 230 17.31 7.21 -8.27
CA ALA A 230 17.75 7.92 -7.07
C ALA A 230 17.90 6.95 -5.89
N PRO A 231 18.67 7.35 -4.86
CA PRO A 231 18.91 6.45 -3.74
C PRO A 231 17.67 6.09 -2.93
N LEU A 232 17.74 4.93 -2.27
CA LEU A 232 16.73 4.49 -1.31
C LEU A 232 17.36 4.46 0.07
N VAL A 233 16.52 4.56 1.10
CA VAL A 233 16.92 4.20 2.43
C VAL A 233 15.97 3.09 2.89
N LEU A 234 16.53 2.03 3.46
CA LEU A 234 15.72 0.87 3.84
C LEU A 234 16.14 0.37 5.22
N VAL A 235 15.15 0.22 6.11
CA VAL A 235 15.34 -0.40 7.43
C VAL A 235 14.54 -1.68 7.50
N THR A 236 15.19 -2.75 7.95
CA THR A 236 14.52 -4.03 8.17
C THR A 236 14.89 -4.51 9.57
N TYR A 237 13.88 -4.62 10.43
CA TYR A 237 14.08 -5.08 11.80
C TYR A 237 13.28 -6.36 12.00
N PHE A 238 13.84 -7.32 12.73
CA PHE A 238 13.15 -8.59 12.92
C PHE A 238 13.45 -9.16 14.30
N THR A 239 12.42 -9.63 14.99
CA THR A 239 12.61 -10.18 16.33
C THR A 239 11.62 -11.33 16.56
N GLN A 240 12.00 -12.23 17.46
CA GLN A 240 11.33 -13.51 17.57
C GLN A 240 10.91 -13.80 19.02
N PRO A 241 9.99 -14.76 19.23
CA PRO A 241 9.41 -14.85 20.58
C PRO A 241 10.29 -15.54 21.62
N GLN A 242 11.23 -16.37 21.17
CA GLN A 242 12.08 -17.12 22.09
C GLN A 242 13.44 -16.49 22.31
N GLN A 243 13.89 -16.43 23.57
CA GLN A 243 15.11 -15.73 23.88
C GLN A 243 16.28 -16.29 23.08
N ASN A 244 16.33 -17.60 22.92
CA ASN A 244 17.45 -18.26 22.27
C ASN A 244 17.26 -18.52 20.77
N ALA A 245 16.32 -17.81 20.14
CA ALA A 245 16.09 -17.98 18.70
C ALA A 245 17.33 -17.72 17.85
N GLU A 246 17.43 -18.42 16.73
CA GLU A 246 18.53 -18.22 15.80
C GLU A 246 18.37 -16.93 14.99
N SER A 247 19.48 -16.36 14.54
CA SER A 247 19.44 -15.24 13.59
C SER A 247 18.74 -15.61 12.29
N ARG A 248 18.06 -14.63 11.67
CA ARG A 248 17.35 -14.88 10.39
C ARG A 248 17.69 -13.78 9.40
N ARG A 249 18.96 -13.70 8.99
CA ARG A 249 19.33 -12.70 8.00
C ARG A 249 18.60 -12.91 6.67
N ASP A 250 18.21 -14.16 6.41
CA ASP A 250 17.48 -14.45 5.20
C ASP A 250 16.10 -13.78 5.18
N VAL A 251 15.49 -13.56 6.34
CA VAL A 251 14.22 -12.83 6.37
C VAL A 251 14.41 -11.38 5.95
N LEU A 252 15.52 -10.76 6.37
CA LEU A 252 15.82 -9.39 5.95
C LEU A 252 16.07 -9.32 4.44
N ALA A 253 16.81 -10.29 3.92
CA ALA A 253 17.01 -10.35 2.48
C ALA A 253 15.67 -10.50 1.75
N SER A 254 14.78 -11.36 2.26
CA SER A 254 13.49 -11.55 1.63
C SER A 254 12.66 -10.26 1.65
N ALA A 255 12.72 -9.51 2.75
CA ALA A 255 12.00 -8.26 2.84
C ALA A 255 12.52 -7.29 1.82
N ALA A 256 13.85 -7.19 1.72
CA ALA A 256 14.50 -6.29 0.77
C ALA A 256 14.10 -6.67 -0.67
N ARG A 257 14.06 -7.95 -0.96
CA ARG A 257 13.66 -8.39 -2.30
C ARG A 257 12.23 -7.97 -2.65
N ILE A 258 11.31 -8.13 -1.71
CA ILE A 258 9.93 -7.69 -1.91
C ILE A 258 9.89 -6.18 -2.17
N ILE A 259 10.67 -5.41 -1.40
CA ILE A 259 10.69 -3.97 -1.60
C ILE A 259 11.23 -3.65 -3.00
N ALA A 260 12.35 -4.28 -3.37
CA ALA A 260 12.95 -3.97 -4.67
C ALA A 260 11.98 -4.30 -5.81
N GLU A 261 11.24 -5.39 -5.66
CA GLU A 261 10.31 -5.85 -6.70
C GLU A 261 9.09 -4.95 -6.77
N GLY A 262 8.82 -4.19 -5.72
CA GLY A 262 7.65 -3.33 -5.68
C GLY A 262 7.85 -1.92 -6.16
N LEU A 263 9.09 -1.57 -6.49
CA LEU A 263 9.37 -0.20 -6.96
C LEU A 263 8.70 0.01 -8.31
N SER B 3 -13.97 22.57 -23.62
CA SER B 3 -15.38 22.40 -24.08
C SER B 3 -16.37 23.24 -23.27
N ALA B 4 -17.50 23.59 -23.89
CA ALA B 4 -18.68 23.97 -23.14
C ALA B 4 -18.86 22.90 -22.06
N VAL B 5 -18.93 21.64 -22.48
CA VAL B 5 -19.19 20.55 -21.55
C VAL B 5 -18.11 20.41 -20.49
N GLN B 6 -16.86 20.58 -20.92
CA GLN B 6 -15.75 20.59 -19.99
C GLN B 6 -15.87 21.66 -18.92
N GLN B 7 -16.22 22.88 -19.31
CA GLN B 7 -16.34 23.98 -18.36
C GLN B 7 -17.41 23.59 -17.34
N LYS B 8 -18.48 22.98 -17.84
CA LYS B 8 -19.62 22.67 -16.98
C LYS B 8 -19.33 21.57 -15.96
N LEU B 9 -18.66 20.52 -16.42
CA LEU B 9 -18.30 19.45 -15.52
C LEU B 9 -17.29 19.91 -14.46
N ALA B 10 -16.31 20.71 -14.87
CA ALA B 10 -15.31 21.19 -13.91
C ALA B 10 -15.99 22.06 -12.85
N ALA B 11 -16.93 22.90 -13.28
CA ALA B 11 -17.65 23.79 -12.35
C ALA B 11 -18.50 22.95 -11.40
N LEU B 12 -19.16 21.89 -11.89
CA LEU B 12 -19.96 21.05 -11.02
C LEU B 12 -19.04 20.39 -10.00
N GLU B 13 -17.90 19.90 -10.46
CA GLU B 13 -16.95 19.31 -9.54
C GLU B 13 -16.52 20.31 -8.45
N LYS B 14 -16.13 21.52 -8.85
CA LYS B 14 -15.66 22.51 -7.90
C LYS B 14 -16.75 22.77 -6.84
N SER B 15 -17.99 22.90 -7.31
N SER B 15 -17.99 22.97 -7.27
CA SER B 15 -19.13 23.18 -6.44
CA SER B 15 -19.06 23.24 -6.29
C SER B 15 -19.34 22.06 -5.43
C SER B 15 -19.20 22.05 -5.35
N SER B 16 -19.09 20.84 -5.89
CA SER B 16 -19.33 19.62 -5.12
C SER B 16 -18.32 19.42 -3.99
N GLY B 17 -17.12 19.96 -4.17
CA GLY B 17 -16.05 19.74 -3.20
C GLY B 17 -15.28 18.44 -3.36
N GLY B 18 -15.68 17.59 -4.31
CA GLY B 18 -15.06 16.29 -4.41
C GLY B 18 -14.35 16.08 -5.74
N ARG B 19 -14.27 14.81 -6.15
CA ARG B 19 -13.55 14.39 -7.34
C ARG B 19 -14.52 13.58 -8.21
N LEU B 20 -14.76 14.10 -9.40
CA LEU B 20 -15.79 13.59 -10.32
C LEU B 20 -15.11 12.94 -11.50
N GLY B 21 -15.59 11.76 -11.90
CA GLY B 21 -15.12 11.05 -13.10
C GLY B 21 -16.32 10.76 -13.99
N VAL B 22 -16.20 11.12 -15.27
CA VAL B 22 -17.28 10.91 -16.21
C VAL B 22 -16.70 10.29 -17.47
N ALA B 23 -17.40 9.30 -18.02
CA ALA B 23 -17.11 8.83 -19.37
C ALA B 23 -18.43 8.56 -20.05
N LEU B 24 -18.63 9.21 -21.18
CA LEU B 24 -19.74 9.00 -22.09
C LEU B 24 -19.23 8.34 -23.38
N ILE B 25 -19.94 7.31 -23.86
CA ILE B 25 -19.83 6.90 -25.25
C ILE B 25 -21.18 7.09 -25.91
N ASP B 26 -21.23 7.91 -26.96
CA ASP B 26 -22.45 8.10 -27.71
C ASP B 26 -22.35 7.20 -28.91
N THR B 27 -23.12 6.10 -28.93
CA THR B 27 -23.00 5.14 -30.02
C THR B 27 -23.59 5.65 -31.35
N ALA B 28 -24.22 6.84 -31.38
CA ALA B 28 -24.68 7.44 -32.63
C ALA B 28 -23.51 7.69 -33.58
N ASP B 29 -22.37 8.07 -33.03
CA ASP B 29 -21.21 8.42 -33.84
C ASP B 29 -19.89 8.11 -33.15
N ASN B 30 -19.96 7.34 -32.07
CA ASN B 30 -18.78 6.94 -31.30
C ASN B 30 -18.04 8.09 -30.67
N THR B 31 -18.71 9.22 -30.50
CA THR B 31 -18.07 10.28 -29.76
C THR B 31 -18.08 10.03 -28.26
N GLN B 32 -17.13 10.72 -27.59
CA GLN B 32 -16.91 10.55 -26.17
C GLN B 32 -16.84 11.90 -25.47
N VAL B 33 -17.26 11.90 -24.21
CA VAL B 33 -17.00 13.00 -23.29
C VAL B 33 -16.34 12.35 -22.08
N LEU B 34 -15.16 12.86 -21.76
CA LEU B 34 -14.38 12.32 -20.65
C LEU B 34 -14.05 13.44 -19.69
N TYR B 35 -14.11 13.13 -18.40
CA TYR B 35 -13.67 14.07 -17.37
C TYR B 35 -13.02 13.24 -16.28
N ARG B 36 -11.73 13.40 -16.08
CA ARG B 36 -10.95 12.48 -15.23
C ARG B 36 -11.18 11.04 -15.70
N GLY B 37 -11.24 10.87 -17.01
CA GLY B 37 -11.63 9.57 -17.57
C GLY B 37 -10.61 8.47 -17.34
N ASP B 38 -9.36 8.85 -17.08
CA ASP B 38 -8.29 7.91 -16.87
C ASP B 38 -7.80 7.78 -15.44
N GLU B 39 -8.50 8.45 -14.51
CA GLU B 39 -8.19 8.29 -13.09
C GLU B 39 -8.93 7.09 -12.53
N ARG B 40 -8.30 6.43 -11.56
CA ARG B 40 -8.96 5.36 -10.84
C ARG B 40 -9.91 5.92 -9.80
N PHE B 41 -11.03 5.23 -9.69
CA PHE B 41 -12.05 5.50 -8.66
C PHE B 41 -12.47 4.16 -8.07
N PRO B 42 -12.87 4.17 -6.79
CA PRO B 42 -13.42 2.95 -6.20
C PRO B 42 -14.77 2.64 -6.83
N MET B 43 -14.92 1.43 -7.37
CA MET B 43 -16.15 1.07 -8.07
C MET B 43 -17.33 0.90 -7.13
N CYS B 44 -17.08 0.40 -5.92
CA CYS B 44 -18.16 0.00 -5.04
C CYS B 44 -19.10 -0.95 -5.77
N SER B 45 -20.41 -0.82 -5.55
CA SER B 45 -21.32 -1.83 -6.09
C SER B 45 -21.51 -1.77 -7.60
N THR B 46 -20.92 -0.78 -8.29
CA THR B 46 -20.90 -0.88 -9.76
C THR B 46 -20.17 -2.13 -10.25
N SER B 47 -19.26 -2.66 -9.42
CA SER B 47 -18.56 -3.89 -9.75
C SER B 47 -19.48 -5.11 -9.81
N LYS B 48 -20.70 -5.02 -9.26
CA LYS B 48 -21.64 -6.13 -9.35
C LYS B 48 -22.01 -6.45 -10.80
N VAL B 49 -21.96 -5.47 -11.69
CA VAL B 49 -22.19 -5.74 -13.09
C VAL B 49 -21.17 -6.71 -13.66
N MET B 50 -19.90 -6.52 -13.35
N MET B 50 -19.89 -6.51 -13.36
CA MET B 50 -18.86 -7.40 -13.86
CA MET B 50 -18.84 -7.38 -13.85
C MET B 50 -19.03 -8.81 -13.30
C MET B 50 -19.01 -8.80 -13.29
N ALA B 51 -19.35 -8.93 -12.00
CA ALA B 51 -19.55 -10.26 -11.43
C ALA B 51 -20.74 -10.99 -12.05
N ALA B 52 -21.87 -10.29 -12.22
CA ALA B 52 -23.03 -10.92 -12.82
C ALA B 52 -22.77 -11.29 -14.26
N ALA B 53 -22.08 -10.42 -14.98
CA ALA B 53 -21.75 -10.73 -16.38
C ALA B 53 -20.81 -11.92 -16.48
N ALA B 54 -19.87 -12.05 -15.54
CA ALA B 54 -18.97 -13.20 -15.56
C ALA B 54 -19.73 -14.52 -15.38
N VAL B 55 -20.72 -14.52 -14.48
CA VAL B 55 -21.55 -15.71 -14.31
C VAL B 55 -22.39 -15.98 -15.55
N LEU B 56 -22.94 -14.94 -16.17
CA LEU B 56 -23.62 -15.10 -17.43
C LEU B 56 -22.70 -15.76 -18.48
N LYS B 57 -21.46 -15.28 -18.59
CA LYS B 57 -20.56 -15.91 -19.53
C LYS B 57 -20.34 -17.38 -19.20
N GLN B 58 -20.17 -17.70 -17.93
CA GLN B 58 -20.03 -19.11 -17.57
C GLN B 58 -21.23 -19.93 -18.01
N SER B 59 -22.43 -19.39 -17.87
CA SER B 59 -23.66 -20.09 -18.23
C SER B 59 -23.80 -20.34 -19.74
N GLU B 60 -22.98 -19.69 -20.57
CA GLU B 60 -22.97 -20.02 -22.00
C GLU B 60 -22.49 -21.44 -22.27
N THR B 61 -21.67 -22.00 -21.38
CA THR B 61 -21.18 -23.36 -21.54
C THR B 61 -21.61 -24.33 -20.46
N GLN B 62 -21.87 -23.84 -19.24
CA GLN B 62 -22.53 -24.63 -18.20
C GLN B 62 -24.01 -24.28 -18.25
N LYS B 63 -24.75 -25.04 -19.06
CA LYS B 63 -26.02 -24.56 -19.59
C LYS B 63 -27.12 -24.46 -18.53
N GLN B 64 -27.00 -25.17 -17.41
CA GLN B 64 -28.01 -25.09 -16.34
C GLN B 64 -27.49 -24.28 -15.15
N LEU B 65 -26.35 -23.60 -15.31
CA LEU B 65 -25.70 -22.96 -14.17
C LEU B 65 -26.64 -21.97 -13.49
N LEU B 66 -27.39 -21.18 -14.26
CA LEU B 66 -28.20 -20.16 -13.62
C LEU B 66 -29.29 -20.71 -12.73
N ASN B 67 -29.64 -21.99 -12.92
CA ASN B 67 -30.69 -22.59 -12.10
C ASN B 67 -30.15 -23.39 -10.91
N GLN B 68 -28.84 -23.40 -10.75
CA GLN B 68 -28.16 -24.15 -9.69
C GLN B 68 -28.45 -23.51 -8.33
N PRO B 69 -28.94 -24.30 -7.37
CA PRO B 69 -29.18 -23.79 -6.01
C PRO B 69 -27.85 -23.53 -5.31
N VAL B 70 -27.82 -22.43 -4.56
CA VAL B 70 -26.68 -22.09 -3.72
C VAL B 70 -27.18 -21.89 -2.28
N GLU B 71 -26.54 -22.56 -1.33
CA GLU B 71 -26.90 -22.42 0.08
C GLU B 71 -26.63 -21.03 0.63
N ILE B 72 -27.61 -20.50 1.34
CA ILE B 72 -27.45 -19.24 2.06
C ILE B 72 -27.47 -19.56 3.55
N LYS B 73 -26.33 -19.43 4.21
CA LYS B 73 -26.25 -19.74 5.64
C LYS B 73 -26.31 -18.46 6.48
N PRO B 74 -26.75 -18.56 7.75
CA PRO B 74 -26.76 -17.33 8.60
C PRO B 74 -25.40 -16.61 8.63
N ALA B 75 -24.32 -17.39 8.63
CA ALA B 75 -22.99 -16.80 8.69
C ALA B 75 -22.60 -16.07 7.41
N ASP B 76 -23.33 -16.31 6.33
CA ASP B 76 -23.01 -15.67 5.06
C ASP B 76 -23.53 -14.26 4.99
N LEU B 77 -24.50 -13.91 5.83
CA LEU B 77 -25.08 -12.57 5.74
C LEU B 77 -24.04 -11.54 6.11
N VAL B 78 -23.96 -10.50 5.31
CA VAL B 78 -23.06 -9.38 5.62
C VAL B 78 -23.89 -8.16 6.01
N ASN B 79 -23.63 -6.99 5.44
CA ASN B 79 -24.15 -5.76 5.99
C ASN B 79 -25.38 -5.21 5.28
N TYR B 80 -25.76 -5.77 4.13
CA TYR B 80 -26.93 -5.26 3.39
C TYR B 80 -27.44 -6.42 2.53
N ASN B 81 -28.49 -7.06 3.01
CA ASN B 81 -28.94 -8.38 2.50
C ASN B 81 -30.46 -8.40 2.31
N PRO B 82 -31.00 -7.41 1.59
CA PRO B 82 -32.46 -7.29 1.53
C PRO B 82 -33.15 -8.53 0.93
N ILE B 83 -32.46 -9.22 0.03
CA ILE B 83 -33.04 -10.40 -0.58
C ILE B 83 -32.55 -11.67 0.10
N ALA B 84 -31.23 -11.77 0.30
CA ALA B 84 -30.68 -13.01 0.85
C ALA B 84 -31.22 -13.32 2.26
N GLU B 85 -31.57 -12.30 3.04
CA GLU B 85 -32.04 -12.60 4.39
C GLU B 85 -33.35 -13.40 4.36
N LYS B 86 -34.13 -13.27 3.30
N LYS B 86 -34.13 -13.23 3.29
CA LYS B 86 -35.38 -14.01 3.22
CA LYS B 86 -35.37 -14.01 3.10
C LYS B 86 -35.13 -15.50 2.94
C LYS B 86 -35.08 -15.50 3.04
N HIS B 87 -33.91 -15.85 2.51
CA HIS B 87 -33.59 -17.22 2.09
C HIS B 87 -32.54 -17.89 2.92
N VAL B 88 -32.17 -17.27 4.05
N VAL B 88 -32.20 -17.30 4.06
CA VAL B 88 -31.26 -17.91 5.00
CA VAL B 88 -31.22 -17.91 4.94
C VAL B 88 -31.75 -19.30 5.38
C VAL B 88 -31.72 -19.26 5.47
N ASN B 89 -30.81 -20.22 5.58
CA ASN B 89 -31.12 -21.62 5.90
C ASN B 89 -31.90 -22.25 4.77
N GLY B 90 -31.82 -21.68 3.57
CA GLY B 90 -32.35 -22.27 2.35
C GLY B 90 -31.38 -21.98 1.21
N THR B 91 -31.89 -21.88 0.00
CA THR B 91 -31.06 -21.72 -1.18
C THR B 91 -31.64 -20.62 -2.06
N MET B 92 -30.78 -20.06 -2.92
CA MET B 92 -31.17 -19.20 -4.05
C MET B 92 -30.43 -19.73 -5.26
N THR B 93 -31.00 -19.56 -6.45
CA THR B 93 -30.26 -19.92 -7.65
C THR B 93 -29.29 -18.80 -8.05
N LEU B 94 -28.33 -19.12 -8.91
CA LEU B 94 -27.42 -18.10 -9.40
C LEU B 94 -28.13 -16.99 -10.19
N ALA B 95 -29.21 -17.31 -10.91
CA ALA B 95 -30.03 -16.27 -11.54
C ALA B 95 -30.63 -15.36 -10.49
N GLU B 96 -31.20 -15.96 -9.44
CA GLU B 96 -31.81 -15.17 -8.36
C GLU B 96 -30.77 -14.32 -7.67
N LEU B 97 -29.55 -14.85 -7.48
CA LEU B 97 -28.50 -14.08 -6.82
C LEU B 97 -28.04 -12.94 -7.73
N SER B 98 -27.96 -13.19 -9.04
CA SER B 98 -27.57 -12.13 -9.98
C SER B 98 -28.59 -11.01 -9.97
N ALA B 99 -29.87 -11.37 -10.01
CA ALA B 99 -30.95 -10.38 -9.97
C ALA B 99 -30.90 -9.58 -8.67
N ALA B 100 -30.68 -10.27 -7.55
CA ALA B 100 -30.63 -9.60 -6.27
C ALA B 100 -29.45 -8.63 -6.17
N ALA B 101 -28.29 -9.08 -6.64
CA ALA B 101 -27.09 -8.23 -6.64
C ALA B 101 -27.31 -7.01 -7.51
N LEU B 102 -27.84 -7.21 -8.71
CA LEU B 102 -27.98 -6.09 -9.64
C LEU B 102 -29.12 -5.15 -9.27
N GLN B 103 -30.28 -5.71 -8.96
CA GLN B 103 -31.48 -4.88 -8.92
C GLN B 103 -31.76 -4.35 -7.51
N TYR B 104 -31.24 -5.03 -6.48
CA TYR B 104 -31.40 -4.61 -5.09
C TYR B 104 -30.06 -4.27 -4.43
N SER B 105 -28.95 -4.49 -5.14
CA SER B 105 -27.65 -4.19 -4.57
C SER B 105 -27.34 -5.02 -3.32
N ASP B 106 -27.81 -6.26 -3.32
CA ASP B 106 -27.60 -7.17 -2.20
C ASP B 106 -26.15 -7.64 -2.10
N ASN B 107 -25.51 -7.35 -0.96
CA ASN B 107 -24.09 -7.69 -0.81
C ASN B 107 -23.84 -9.18 -0.55
N THR B 108 -24.76 -9.89 0.10
CA THR B 108 -24.59 -11.32 0.24
C THR B 108 -24.69 -11.99 -1.15
N ALA B 109 -25.63 -11.54 -1.96
CA ALA B 109 -25.76 -12.07 -3.31
C ALA B 109 -24.47 -11.84 -4.09
N MET B 110 -23.91 -10.64 -4.01
CA MET B 110 -22.64 -10.39 -4.67
C MET B 110 -21.55 -11.38 -4.22
N ASN B 111 -21.48 -11.63 -2.92
CA ASN B 111 -20.47 -12.57 -2.43
C ASN B 111 -20.64 -13.94 -3.01
N LYS B 112 -21.89 -14.38 -3.21
CA LYS B 112 -22.10 -15.67 -3.86
C LYS B 112 -21.64 -15.66 -5.31
N LEU B 113 -21.85 -14.55 -6.03
CA LEU B 113 -21.35 -14.48 -7.41
C LEU B 113 -19.81 -14.58 -7.39
N ILE B 114 -19.17 -13.80 -6.52
CA ILE B 114 -17.73 -13.82 -6.42
C ILE B 114 -17.25 -15.25 -6.12
N ALA B 115 -17.89 -15.91 -5.16
CA ALA B 115 -17.46 -17.27 -4.82
C ALA B 115 -17.63 -18.23 -6.01
N GLN B 116 -18.74 -18.10 -6.73
CA GLN B 116 -18.94 -18.94 -7.91
C GLN B 116 -17.78 -18.79 -8.90
N LEU B 117 -17.23 -17.57 -9.00
CA LEU B 117 -16.13 -17.28 -9.91
C LEU B 117 -14.74 -17.61 -9.36
N GLY B 118 -14.68 -18.17 -8.14
CA GLY B 118 -13.41 -18.54 -7.55
C GLY B 118 -12.73 -17.45 -6.71
N GLY B 119 -13.44 -16.36 -6.41
CA GLY B 119 -12.88 -15.25 -5.64
C GLY B 119 -12.78 -14.00 -6.50
N PRO B 120 -12.37 -12.88 -5.88
CA PRO B 120 -12.32 -11.62 -6.62
C PRO B 120 -11.46 -11.73 -7.88
N GLY B 121 -10.39 -12.52 -7.84
CA GLY B 121 -9.55 -12.68 -9.02
C GLY B 121 -10.28 -13.29 -10.20
N GLY B 122 -11.29 -14.12 -9.95
CA GLY B 122 -12.10 -14.66 -11.04
C GLY B 122 -12.93 -13.62 -11.74
N VAL B 123 -13.32 -12.59 -11.00
CA VAL B 123 -14.01 -11.46 -11.63
C VAL B 123 -13.07 -10.64 -12.51
N THR B 124 -11.87 -10.36 -11.98
CA THR B 124 -10.83 -9.70 -12.74
C THR B 124 -10.47 -10.51 -13.99
N ALA B 125 -10.37 -11.83 -13.87
CA ALA B 125 -9.99 -12.65 -15.03
C ALA B 125 -11.05 -12.53 -16.13
N PHE B 126 -12.32 -12.48 -15.75
CA PHE B 126 -13.36 -12.26 -16.74
C PHE B 126 -13.19 -10.89 -17.43
N ALA B 127 -12.93 -9.85 -16.64
CA ALA B 127 -12.67 -8.53 -17.21
C ALA B 127 -11.56 -8.62 -18.28
N ARG B 128 -10.45 -9.28 -17.92
CA ARG B 128 -9.36 -9.42 -18.88
C ARG B 128 -9.83 -10.17 -20.12
N ALA B 129 -10.64 -11.22 -19.94
CA ALA B 129 -11.09 -12.04 -21.06
C ALA B 129 -11.96 -11.26 -22.04
N ILE B 130 -12.58 -10.16 -21.60
CA ILE B 130 -13.41 -9.32 -22.50
C ILE B 130 -12.70 -8.03 -22.90
N GLY B 131 -11.40 -7.97 -22.63
CA GLY B 131 -10.56 -6.87 -23.15
C GLY B 131 -10.39 -5.67 -22.22
N ASP B 132 -10.85 -5.80 -20.97
CA ASP B 132 -10.70 -4.74 -19.98
C ASP B 132 -9.44 -5.02 -19.18
N GLU B 133 -8.41 -4.22 -19.45
N GLU B 133 -8.41 -4.21 -19.44
CA GLU B 133 -7.13 -4.40 -18.77
CA GLU B 133 -7.10 -4.37 -18.80
C GLU B 133 -6.95 -3.54 -17.54
C GLU B 133 -6.93 -3.46 -17.59
N THR B 134 -8.00 -2.81 -17.17
CA THR B 134 -7.93 -1.77 -16.13
C THR B 134 -8.66 -2.21 -14.85
N PHE B 135 -9.87 -2.75 -14.99
CA PHE B 135 -10.69 -3.22 -13.88
C PHE B 135 -9.87 -4.09 -12.95
N ARG B 136 -10.06 -3.93 -11.64
CA ARG B 136 -9.58 -4.97 -10.72
C ARG B 136 -10.54 -5.11 -9.57
N LEU B 137 -10.89 -6.35 -9.26
CA LEU B 137 -11.61 -6.64 -8.01
C LEU B 137 -10.64 -7.39 -7.12
N ASP B 138 -10.49 -6.92 -5.89
N ASP B 138 -10.50 -6.92 -5.88
CA ASP B 138 -9.53 -7.43 -4.93
CA ASP B 138 -9.53 -7.42 -4.94
C ASP B 138 -10.16 -8.05 -3.70
C ASP B 138 -10.15 -8.03 -3.70
N ARG B 139 -11.32 -7.53 -3.31
CA ARG B 139 -11.96 -7.89 -2.05
C ARG B 139 -13.42 -8.32 -2.27
N THR B 140 -13.97 -8.96 -1.26
CA THR B 140 -15.37 -9.29 -1.21
C THR B 140 -16.18 -8.18 -0.53
N GLU B 141 -17.50 -8.36 -0.44
CA GLU B 141 -18.31 -7.48 0.38
C GLU B 141 -18.17 -7.85 1.85
N PRO B 142 -18.14 -6.85 2.75
CA PRO B 142 -18.35 -5.42 2.50
C PRO B 142 -17.07 -4.62 2.26
N THR B 143 -15.89 -5.21 2.41
CA THR B 143 -14.67 -4.38 2.44
C THR B 143 -14.28 -3.78 1.10
N LEU B 144 -14.88 -4.25 0.01
CA LEU B 144 -14.54 -3.65 -1.27
C LEU B 144 -14.99 -2.20 -1.41
N ASN B 145 -15.78 -1.70 -0.44
CA ASN B 145 -16.31 -0.33 -0.47
C ASN B 145 -15.55 0.67 0.40
N THR B 146 -14.38 0.32 0.91
CA THR B 146 -13.66 1.25 1.81
C THR B 146 -13.27 2.57 1.13
N ALA B 147 -13.02 2.51 -0.18
CA ALA B 147 -12.85 3.71 -1.02
C ALA B 147 -11.75 4.66 -0.50
N ILE B 148 -10.64 4.09 -0.04
CA ILE B 148 -9.58 4.90 0.57
C ILE B 148 -8.81 5.64 -0.52
N PRO B 149 -8.61 6.96 -0.36
CA PRO B 149 -7.90 7.73 -1.39
C PRO B 149 -6.54 7.13 -1.71
N GLY B 150 -6.24 6.97 -3.00
CA GLY B 150 -4.94 6.41 -3.42
C GLY B 150 -4.84 4.89 -3.41
N ASP B 151 -5.82 4.19 -2.84
CA ASP B 151 -5.83 2.71 -2.80
C ASP B 151 -6.26 2.17 -4.17
N PRO B 152 -5.41 1.32 -4.80
CA PRO B 152 -5.86 0.87 -6.12
C PRO B 152 -6.84 -0.31 -6.07
N ARG B 153 -7.08 -0.88 -4.89
CA ARG B 153 -7.91 -2.05 -4.83
C ARG B 153 -9.34 -1.72 -5.25
N ASP B 154 -9.96 -2.62 -6.01
CA ASP B 154 -11.40 -2.49 -6.31
C ASP B 154 -11.70 -1.19 -7.05
N THR B 155 -10.82 -0.83 -7.98
CA THR B 155 -10.99 0.40 -8.77
C THR B 155 -11.06 0.08 -10.25
N THR B 156 -11.52 1.08 -11.00
CA THR B 156 -11.32 1.12 -12.43
C THR B 156 -11.32 2.57 -12.85
N THR B 157 -11.18 2.84 -14.14
CA THR B 157 -11.29 4.22 -14.64
C THR B 157 -12.65 4.39 -15.34
N PRO B 158 -13.15 5.63 -15.41
CA PRO B 158 -14.43 5.81 -16.09
C PRO B 158 -14.34 5.35 -17.54
N ARG B 159 -13.25 5.69 -18.24
CA ARG B 159 -13.12 5.31 -19.63
C ARG B 159 -13.20 3.78 -19.79
N ALA B 160 -12.48 3.04 -18.94
CA ALA B 160 -12.50 1.58 -19.07
C ALA B 160 -13.87 1.03 -18.78
N MET B 161 -14.53 1.56 -17.75
N MET B 161 -14.52 1.55 -17.75
CA MET B 161 -15.83 1.02 -17.38
CA MET B 161 -15.82 0.99 -17.39
C MET B 161 -16.91 1.34 -18.39
C MET B 161 -16.89 1.32 -18.43
N ALA B 162 -16.84 2.49 -19.05
CA ALA B 162 -17.80 2.80 -20.11
C ALA B 162 -17.59 1.84 -21.28
N GLN B 163 -16.33 1.62 -21.67
CA GLN B 163 -16.04 0.72 -22.77
C GLN B 163 -16.54 -0.69 -22.47
N THR B 164 -16.26 -1.16 -21.26
CA THR B 164 -16.74 -2.48 -20.86
C THR B 164 -18.24 -2.58 -20.84
N LEU B 165 -18.91 -1.59 -20.26
CA LEU B 165 -20.37 -1.62 -20.21
C LEU B 165 -20.94 -1.64 -21.63
N ARG B 166 -20.35 -0.85 -22.53
CA ARG B 166 -20.80 -0.94 -23.93
C ARG B 166 -20.65 -2.36 -24.48
N GLN B 167 -19.49 -2.98 -24.29
N GLN B 167 -19.48 -2.96 -24.27
CA GLN B 167 -19.29 -4.33 -24.85
CA GLN B 167 -19.18 -4.32 -24.73
C GLN B 167 -20.26 -5.35 -24.24
C GLN B 167 -20.21 -5.33 -24.23
N LEU B 168 -20.55 -5.19 -22.95
CA LEU B 168 -21.45 -6.10 -22.28
C LEU B 168 -22.90 -5.94 -22.70
N THR B 169 -23.37 -4.71 -22.87
CA THR B 169 -24.80 -4.46 -23.06
C THR B 169 -25.19 -4.21 -24.49
N LEU B 170 -24.23 -3.79 -25.33
CA LEU B 170 -24.54 -3.41 -26.73
C LEU B 170 -23.68 -4.16 -27.72
N GLY B 171 -22.55 -4.69 -27.28
CA GLY B 171 -21.63 -5.43 -28.15
C GLY B 171 -21.74 -6.91 -27.89
N HIS B 172 -20.61 -7.60 -28.04
CA HIS B 172 -20.59 -9.09 -28.13
C HIS B 172 -19.64 -9.70 -27.15
N ALA B 173 -19.45 -9.07 -26.01
CA ALA B 173 -18.69 -9.70 -24.93
C ALA B 173 -19.44 -10.93 -24.42
N LEU B 174 -20.79 -10.88 -24.46
CA LEU B 174 -21.64 -11.98 -24.03
C LEU B 174 -22.40 -12.51 -25.22
N GLY B 175 -22.91 -13.75 -25.11
CA GLY B 175 -23.80 -14.29 -26.14
C GLY B 175 -25.10 -13.51 -26.16
N GLU B 176 -25.84 -13.60 -27.27
CA GLU B 176 -27.05 -12.80 -27.43
C GLU B 176 -28.04 -12.91 -26.27
N THR B 177 -28.36 -14.13 -25.84
CA THR B 177 -29.36 -14.30 -24.77
C THR B 177 -28.86 -13.70 -23.48
N GLN B 178 -27.57 -13.88 -23.24
CA GLN B 178 -26.96 -13.39 -22.02
C GLN B 178 -26.87 -11.85 -21.98
N ARG B 179 -26.52 -11.23 -23.10
CA ARG B 179 -26.56 -9.79 -23.22
C ARG B 179 -27.96 -9.28 -22.93
N ALA B 180 -28.97 -9.90 -23.56
CA ALA B 180 -30.35 -9.48 -23.31
C ALA B 180 -30.73 -9.66 -21.84
N GLN B 181 -30.29 -10.73 -21.19
CA GLN B 181 -30.60 -10.93 -19.77
C GLN B 181 -29.96 -9.83 -18.91
N LEU B 182 -28.72 -9.45 -19.23
CA LEU B 182 -28.04 -8.41 -18.46
C LEU B 182 -28.82 -7.11 -18.62
N VAL B 183 -29.20 -6.77 -19.84
CA VAL B 183 -29.93 -5.54 -20.10
C VAL B 183 -31.26 -5.54 -19.35
N THR B 184 -31.99 -6.65 -19.42
CA THR B 184 -33.24 -6.80 -18.67
C THR B 184 -33.01 -6.52 -17.19
N TRP B 185 -31.97 -7.11 -16.63
CA TRP B 185 -31.70 -6.91 -15.21
C TRP B 185 -31.43 -5.44 -14.90
N LEU B 186 -30.56 -4.81 -15.70
CA LEU B 186 -30.23 -3.42 -15.47
C LEU B 186 -31.45 -2.51 -15.58
N LYS B 187 -32.31 -2.79 -16.57
CA LYS B 187 -33.49 -1.95 -16.78
C LYS B 187 -34.49 -2.11 -15.63
N GLY B 188 -34.41 -3.23 -14.92
CA GLY B 188 -35.27 -3.45 -13.75
C GLY B 188 -34.65 -3.03 -12.42
N ASN B 189 -33.52 -2.33 -12.46
CA ASN B 189 -32.91 -1.86 -11.23
C ASN B 189 -33.92 -1.07 -10.37
N THR B 190 -33.84 -1.23 -9.06
CA THR B 190 -34.70 -0.49 -8.14
C THR B 190 -34.00 0.72 -7.55
N THR B 191 -32.69 0.83 -7.65
CA THR B 191 -31.94 1.78 -6.82
C THR B 191 -31.53 3.11 -7.53
N GLY B 192 -31.92 3.29 -8.79
CA GLY B 192 -31.25 4.26 -9.66
C GLY B 192 -31.93 5.59 -9.93
N ALA B 193 -33.15 5.79 -9.42
CA ALA B 193 -33.94 6.95 -9.89
C ALA B 193 -33.32 8.29 -9.49
N ALA B 194 -32.49 8.32 -8.44
CA ALA B 194 -31.93 9.58 -7.95
C ALA B 194 -30.57 9.91 -8.57
N SER B 195 -30.02 8.99 -9.39
CA SER B 195 -28.62 9.09 -9.85
C SER B 195 -28.59 9.57 -11.29
N ILE B 196 -27.91 8.88 -12.20
CA ILE B 196 -27.87 9.34 -13.60
C ILE B 196 -29.29 9.62 -14.12
N ARG B 197 -30.23 8.75 -13.81
N ARG B 197 -30.22 8.69 -13.84
CA ARG B 197 -31.50 8.86 -14.49
CA ARG B 197 -31.59 8.76 -14.36
C ARG B 197 -32.33 10.05 -14.03
C ARG B 197 -32.21 10.13 -14.09
N ALA B 198 -31.97 10.67 -12.89
CA ALA B 198 -32.62 11.91 -12.48
C ALA B 198 -32.20 13.07 -13.36
N GLY B 199 -31.08 12.95 -14.08
CA GLY B 199 -30.63 14.01 -14.96
C GLY B 199 -31.05 13.87 -16.40
N LEU B 200 -31.85 12.84 -16.72
CA LEU B 200 -32.21 12.56 -18.11
C LEU B 200 -33.66 12.93 -18.37
N PRO B 201 -34.01 13.30 -19.60
CA PRO B 201 -35.43 13.47 -19.94
C PRO B 201 -36.22 12.22 -19.62
N THR B 202 -37.45 12.39 -19.15
N THR B 202 -37.43 12.39 -19.12
CA THR B 202 -38.25 11.27 -18.69
CA THR B 202 -38.20 11.23 -18.69
C THR B 202 -38.73 10.34 -19.81
C THR B 202 -38.55 10.27 -19.84
N SER B 203 -38.67 10.80 -21.06
CA SER B 203 -39.06 9.95 -22.19
C SER B 203 -38.01 8.87 -22.47
N TRP B 204 -36.78 9.07 -22.00
CA TRP B 204 -35.72 8.14 -22.32
C TRP B 204 -35.89 6.88 -21.49
N THR B 205 -35.26 5.82 -21.97
N THR B 205 -35.37 5.77 -21.98
CA THR B 205 -35.23 4.53 -21.29
CA THR B 205 -35.28 4.60 -21.12
C THR B 205 -33.79 4.27 -20.84
C THR B 205 -33.82 4.32 -20.79
N ALA B 206 -33.60 3.59 -19.71
CA ALA B 206 -32.24 3.30 -19.27
C ALA B 206 -32.21 2.10 -18.37
N GLY B 207 -31.03 1.53 -18.24
CA GLY B 207 -30.73 0.59 -17.16
C GLY B 207 -29.47 1.05 -16.46
N ASP B 208 -29.34 0.79 -15.17
CA ASP B 208 -28.15 1.29 -14.47
C ASP B 208 -27.82 0.42 -13.27
N LYS B 209 -26.61 0.60 -12.76
CA LYS B 209 -26.18 0.00 -11.50
C LYS B 209 -25.49 1.07 -10.68
N THR B 210 -26.01 1.33 -9.47
CA THR B 210 -25.46 2.30 -8.53
C THR B 210 -24.35 1.67 -7.69
N GLY B 211 -23.58 2.53 -7.03
CA GLY B 211 -22.70 2.09 -5.94
C GLY B 211 -22.43 3.23 -4.97
N SER B 212 -22.03 2.89 -3.76
CA SER B 212 -21.62 3.88 -2.80
C SER B 212 -20.70 3.27 -1.77
N GLY B 213 -19.99 4.11 -1.04
CA GLY B 213 -19.09 3.60 -0.02
C GLY B 213 -18.61 4.72 0.89
N ASP B 214 -17.48 4.45 1.58
CA ASP B 214 -16.95 5.52 2.41
C ASP B 214 -16.38 6.65 1.55
N TYR B 215 -15.89 7.70 2.20
CA TYR B 215 -15.50 8.91 1.50
C TYR B 215 -16.63 9.49 0.65
N GLY B 216 -17.88 9.25 1.07
CA GLY B 216 -19.02 9.76 0.35
C GLY B 216 -19.03 9.33 -1.10
N THR B 217 -18.45 8.19 -1.37
CA THR B 217 -18.35 7.69 -2.73
C THR B 217 -19.76 7.37 -3.25
N THR B 218 -20.07 7.91 -4.42
CA THR B 218 -21.42 7.83 -4.99
C THR B 218 -21.27 7.64 -6.48
N ASN B 219 -21.69 6.47 -6.99
CA ASN B 219 -21.38 6.07 -8.35
C ASN B 219 -22.64 5.59 -9.06
N ASP B 220 -22.58 5.59 -10.40
CA ASP B 220 -23.65 5.00 -11.21
C ASP B 220 -23.07 4.74 -12.59
N ILE B 221 -23.48 3.62 -13.19
CA ILE B 221 -23.11 3.32 -14.57
C ILE B 221 -24.40 2.92 -15.29
N ALA B 222 -24.59 3.39 -16.51
CA ALA B 222 -25.89 3.28 -17.16
C ALA B 222 -25.75 3.05 -18.65
N VAL B 223 -26.71 2.30 -19.20
N VAL B 223 -26.71 2.31 -19.21
CA VAL B 223 -26.90 2.25 -20.65
CA VAL B 223 -26.91 2.27 -20.65
C VAL B 223 -28.27 2.88 -20.93
C VAL B 223 -28.26 2.94 -20.89
N ILE B 224 -28.29 3.82 -21.88
CA ILE B 224 -29.40 4.76 -22.03
C ILE B 224 -29.86 4.75 -23.48
N TRP B 225 -31.17 4.72 -23.68
CA TRP B 225 -31.77 4.85 -25.01
C TRP B 225 -32.52 6.18 -25.12
N PRO B 226 -31.87 7.23 -25.63
CA PRO B 226 -32.57 8.50 -25.76
C PRO B 226 -33.69 8.39 -26.77
N GLN B 227 -34.70 9.22 -26.67
CA GLN B 227 -35.82 9.04 -27.57
C GLN B 227 -35.38 9.27 -29.02
N GLY B 228 -35.63 8.26 -29.86
CA GLY B 228 -35.38 8.38 -31.30
C GLY B 228 -33.94 8.19 -31.77
N ARG B 229 -33.02 7.89 -30.85
CA ARG B 229 -31.58 7.99 -31.10
C ARG B 229 -30.88 6.70 -30.69
N ALA B 230 -29.68 6.52 -31.20
CA ALA B 230 -28.83 5.40 -30.75
C ALA B 230 -28.47 5.50 -29.27
N PRO B 231 -28.14 4.37 -28.65
CA PRO B 231 -27.91 4.44 -27.19
C PRO B 231 -26.61 5.08 -26.78
N LEU B 232 -26.59 5.47 -25.51
CA LEU B 232 -25.41 6.03 -24.85
C LEU B 232 -24.98 5.03 -23.78
N VAL B 233 -23.71 5.05 -23.44
CA VAL B 233 -23.23 4.48 -22.20
C VAL B 233 -22.57 5.57 -21.37
N LEU B 234 -22.97 5.67 -20.10
CA LEU B 234 -22.48 6.74 -19.27
C LEU B 234 -22.04 6.19 -17.91
N VAL B 235 -20.83 6.59 -17.52
CA VAL B 235 -20.30 6.29 -16.19
C VAL B 235 -20.10 7.61 -15.45
N THR B 236 -20.61 7.69 -14.21
CA THR B 236 -20.38 8.85 -13.34
C THR B 236 -19.91 8.31 -11.99
N TYR B 237 -18.65 8.61 -11.65
CA TYR B 237 -18.05 8.21 -10.39
C TYR B 237 -17.75 9.46 -9.58
N PHE B 238 -17.92 9.41 -8.27
CA PHE B 238 -17.73 10.59 -7.47
C PHE B 238 -17.22 10.16 -6.09
N THR B 239 -16.23 10.87 -5.57
CA THR B 239 -15.75 10.56 -4.22
C THR B 239 -15.24 11.86 -3.57
N GLN B 240 -15.10 11.86 -2.26
CA GLN B 240 -15.01 13.10 -1.49
C GLN B 240 -13.88 13.03 -0.48
N PRO B 241 -13.45 14.17 0.08
CA PRO B 241 -12.23 14.15 0.92
C PRO B 241 -12.44 13.49 2.29
N GLN B 242 -13.64 13.58 2.85
CA GLN B 242 -13.84 13.16 4.23
C GLN B 242 -14.36 11.72 4.27
N GLN B 243 -13.76 10.88 5.12
CA GLN B 243 -14.19 9.47 5.22
C GLN B 243 -15.70 9.35 5.47
N ASN B 244 -16.26 10.26 6.27
CA ASN B 244 -17.65 10.20 6.68
C ASN B 244 -18.57 11.06 5.83
N ALA B 245 -18.14 11.45 4.65
CA ALA B 245 -18.95 12.36 3.82
C ALA B 245 -20.29 11.71 3.46
N GLU B 246 -21.30 12.53 3.27
CA GLU B 246 -22.63 12.06 2.85
C GLU B 246 -22.67 11.69 1.37
N SER B 247 -23.62 10.84 1.00
N SER B 247 -23.61 10.83 1.01
CA SER B 247 -23.83 10.52 -0.40
CA SER B 247 -23.82 10.50 -0.40
C SER B 247 -24.30 11.74 -1.20
C SER B 247 -24.26 11.75 -1.18
N ARG B 248 -23.91 11.80 -2.47
CA ARG B 248 -24.25 12.95 -3.33
C ARG B 248 -24.78 12.46 -4.68
N ARG B 249 -25.89 11.73 -4.68
CA ARG B 249 -26.48 11.28 -5.92
C ARG B 249 -26.87 12.41 -6.83
N ASP B 250 -27.19 13.58 -6.24
CA ASP B 250 -27.48 14.78 -7.02
C ASP B 250 -26.35 15.20 -7.94
N VAL B 251 -25.10 14.97 -7.53
CA VAL B 251 -23.96 15.30 -8.38
C VAL B 251 -23.94 14.43 -9.63
N LEU B 252 -24.30 13.15 -9.48
CA LEU B 252 -24.39 12.24 -10.63
C LEU B 252 -25.51 12.68 -11.58
N ALA B 253 -26.65 13.05 -11.00
CA ALA B 253 -27.77 13.54 -11.78
C ALA B 253 -27.36 14.81 -12.53
N SER B 254 -26.63 15.72 -11.86
CA SER B 254 -26.22 16.98 -12.49
C SER B 254 -25.22 16.71 -13.62
N ALA B 255 -24.33 15.72 -13.44
CA ALA B 255 -23.37 15.38 -14.51
C ALA B 255 -24.13 14.80 -15.71
N ALA B 256 -25.11 13.93 -15.45
CA ALA B 256 -25.90 13.34 -16.52
C ALA B 256 -26.67 14.44 -17.28
N ARG B 257 -27.18 15.41 -16.53
CA ARG B 257 -27.96 16.48 -17.14
C ARG B 257 -27.09 17.32 -18.08
N ILE B 258 -25.85 17.58 -17.67
CA ILE B 258 -24.90 18.30 -18.52
C ILE B 258 -24.64 17.51 -19.81
N ILE B 259 -24.49 16.20 -19.67
CA ILE B 259 -24.21 15.36 -20.83
C ILE B 259 -25.41 15.34 -21.77
N ALA B 260 -26.61 15.25 -21.19
CA ALA B 260 -27.82 15.08 -22.00
C ALA B 260 -28.09 16.37 -22.76
N GLU B 261 -27.80 17.50 -22.13
CA GLU B 261 -28.07 18.78 -22.74
C GLU B 261 -27.00 19.12 -23.78
N GLY B 262 -25.87 18.42 -23.72
CA GLY B 262 -24.78 18.60 -24.69
C GLY B 262 -24.81 17.67 -25.90
N LEU B 263 -25.79 16.76 -25.94
CA LEU B 263 -25.92 15.81 -27.06
C LEU B 263 -26.24 16.50 -28.39
#